data_6Y6H
#
_entry.id   6Y6H
#
_cell.length_a   83.599
_cell.length_b   83.599
_cell.length_c   114.609
_cell.angle_alpha   90.000
_cell.angle_beta   90.000
_cell.angle_gamma   90.000
#
_symmetry.space_group_name_H-M   'P 41 2 2'
#
loop_
_entity.id
_entity.type
_entity.pdbx_description
1 polymer 'Serine/threonine-protein kinase 17B'
2 non-polymer '2-[6-(1-benzothiophen-2-yl)thieno[3,2-d]pyrimidin-4-yl]sulfanylethanoic acid'
3 non-polymer 1,2-ETHANEDIOL
4 water water
#
_entity_poly.entity_id   1
_entity_poly.type   'polypeptide(L)'
_entity_poly.pdbx_seq_one_letter_code
;MHHHHHHSSGVDLGTENLYFQSMENFNNFYILTSKELGRGKFAVVRQCISKSTGQEYAAKFLKKRRRGQDCRAEILHEIA
VLELAKSCPRVINLHEVYENTSEIILILEYAAGGEIFSLCLPELAEMVSENDVIRLIKQILEGVYYLHQNNIVHLDLKPQ
NILLSSIYPLGDIKIVDFGMSRKIGHACELREIMGTPEYLAPEILNYDPITTATDMWNIGIIAYMLLTHTSPFVGEDNQE
TYLNISQVNVDYSEETFSSVSQLATDFIQSLLVKNPEKRPTAEICLSHSWLQQWDFENLFHPEETSSSSQTQDHSVRSSE
DKTSKSS
;
_entity_poly.pdbx_strand_id   A
#
# COMPACT_ATOMS: atom_id res chain seq x y z
N GLU A 16 -25.78 -13.76 -16.54
CA GLU A 16 -24.29 -13.51 -16.66
C GLU A 16 -23.55 -14.87 -16.80
N ASN A 17 -22.74 -15.04 -17.85
CA ASN A 17 -21.77 -16.15 -17.99
C ASN A 17 -20.51 -15.85 -17.14
N LEU A 18 -19.91 -16.87 -16.56
CA LEU A 18 -18.64 -16.76 -15.81
C LEU A 18 -17.43 -16.85 -16.78
N TYR A 19 -16.41 -16.04 -16.56
CA TYR A 19 -15.20 -15.94 -17.39
C TYR A 19 -14.08 -16.79 -16.77
N PHE A 20 -13.84 -16.65 -15.46
CA PHE A 20 -12.65 -17.23 -14.81
C PHE A 20 -12.90 -18.68 -14.40
N GLN A 21 -11.86 -19.35 -13.93
CA GLN A 21 -11.91 -20.79 -13.55
C GLN A 21 -13.05 -21.01 -12.56
N SER A 22 -13.69 -22.16 -12.65
CA SER A 22 -14.90 -22.51 -11.85
C SER A 22 -14.57 -22.64 -10.36
N MET A 23 -15.61 -22.49 -9.56
CA MET A 23 -15.59 -22.67 -8.10
C MET A 23 -15.29 -24.13 -7.77
N GLU A 24 -15.78 -25.05 -8.59
CA GLU A 24 -15.52 -26.50 -8.42
CA GLU A 24 -15.50 -26.51 -8.40
C GLU A 24 -13.99 -26.74 -8.48
N ASN A 25 -13.30 -26.06 -9.41
CA ASN A 25 -11.81 -26.17 -9.51
C ASN A 25 -11.18 -25.53 -8.28
N PHE A 26 -11.66 -24.38 -7.83
CA PHE A 26 -11.13 -23.72 -6.61
C PHE A 26 -11.09 -24.74 -5.47
N ASN A 27 -12.22 -25.36 -5.19
CA ASN A 27 -12.41 -26.26 -4.03
C ASN A 27 -11.66 -27.59 -4.26
N ASN A 28 -11.38 -27.97 -5.51
CA ASN A 28 -10.56 -29.18 -5.80
C ASN A 28 -9.09 -28.91 -5.46
N PHE A 29 -8.61 -27.68 -5.67
CA PHE A 29 -7.17 -27.34 -5.70
C PHE A 29 -6.72 -26.70 -4.38
N TYR A 30 -7.63 -26.06 -3.66
CA TYR A 30 -7.29 -25.24 -2.46
C TYR A 30 -8.22 -25.63 -1.31
N ILE A 31 -7.72 -25.47 -0.10
CA ILE A 31 -8.55 -25.48 1.13
C ILE A 31 -8.33 -24.15 1.87
N LEU A 32 -9.41 -23.48 2.21
CA LEU A 32 -9.38 -22.30 3.08
C LEU A 32 -8.97 -22.74 4.47
N THR A 33 -8.24 -21.90 5.17
CA THR A 33 -7.88 -22.09 6.58
C THR A 33 -8.77 -21.20 7.43
N SER A 34 -8.76 -21.44 8.73
CA SER A 34 -9.50 -20.68 9.75
C SER A 34 -8.91 -19.27 9.97
N LYS A 35 -7.86 -18.89 9.24
N LYS A 35 -7.71 -18.98 9.45
CA LYS A 35 -7.27 -17.53 9.33
CA LYS A 35 -6.84 -17.88 9.97
C LYS A 35 -7.97 -16.62 8.31
C LYS A 35 -7.51 -16.51 9.69
N GLU A 36 -8.90 -15.81 8.80
N GLU A 36 -7.45 -15.60 10.66
CA GLU A 36 -9.51 -14.68 8.05
CA GLU A 36 -8.14 -14.29 10.60
C GLU A 36 -8.53 -13.50 8.12
C GLU A 36 -7.12 -13.22 10.20
N LEU A 37 -8.07 -13.04 6.99
N LEU A 37 -7.34 -12.61 9.03
CA LEU A 37 -6.96 -12.06 6.89
CA LEU A 37 -6.40 -11.70 8.35
C LEU A 37 -7.52 -10.64 6.86
C LEU A 37 -6.74 -10.25 8.67
N GLY A 38 -8.74 -10.43 6.34
N GLY A 38 -7.94 -9.98 9.18
CA GLY A 38 -9.30 -9.09 6.09
CA GLY A 38 -8.35 -8.65 9.70
C GLY A 38 -10.75 -9.15 5.66
C GLY A 38 -8.54 -7.61 8.61
N ARG A 39 -11.51 -8.11 5.98
N ARG A 39 -8.95 -8.02 7.41
CA ARG A 39 -12.94 -8.01 5.60
CA ARG A 39 -9.30 -7.09 6.29
C ARG A 39 -13.29 -6.54 5.41
C ARG A 39 -10.82 -6.81 6.31
N GLY A 40 -13.70 -6.14 4.21
N GLY A 40 -11.31 -6.06 5.33
CA GLY A 40 -14.36 -4.84 3.92
CA GLY A 40 -12.70 -5.52 5.32
C GLY A 40 -15.80 -5.06 3.55
C GLY A 40 -13.77 -6.60 5.23
N LYS A 41 -16.49 -4.02 3.10
N LYS A 41 -15.06 -6.20 5.15
CA LYS A 41 -17.95 -4.08 2.78
CA LYS A 41 -16.27 -7.09 5.25
C LYS A 41 -18.21 -5.06 1.59
C LYS A 41 -16.81 -7.45 3.85
N PHE A 42 -17.29 -5.13 0.61
N PHE A 42 -16.48 -6.64 2.86
CA PHE A 42 -17.53 -5.84 -0.70
CA PHE A 42 -17.17 -6.60 1.55
C PHE A 42 -16.34 -6.76 -1.04
C PHE A 42 -16.24 -7.13 0.46
N ALA A 43 -15.53 -7.09 -0.04
N ALA A 43 -14.94 -7.15 0.74
CA ALA A 43 -14.31 -7.93 -0.18
CA ALA A 43 -13.94 -7.97 0.03
C ALA A 43 -14.00 -8.62 1.15
C ALA A 43 -13.16 -8.82 1.05
N VAL A 44 -13.50 -9.85 1.07
N VAL A 44 -13.68 -10.00 1.36
CA VAL A 44 -12.96 -10.61 2.24
CA VAL A 44 -13.07 -10.98 2.31
C VAL A 44 -11.68 -11.32 1.80
C VAL A 44 -11.69 -11.33 1.78
N VAL A 45 -10.66 -11.30 2.64
CA VAL A 45 -9.40 -12.02 2.34
C VAL A 45 -9.23 -13.15 3.34
N ARG A 46 -9.02 -14.35 2.84
CA ARG A 46 -8.86 -15.56 3.67
C ARG A 46 -7.59 -16.31 3.25
N GLN A 47 -6.86 -16.85 4.19
CA GLN A 47 -5.67 -17.69 3.90
C GLN A 47 -6.17 -18.98 3.25
N CYS A 48 -5.51 -19.43 2.19
CA CYS A 48 -5.74 -20.79 1.64
C CYS A 48 -4.43 -21.53 1.45
N ILE A 49 -4.52 -22.82 1.22
CA ILE A 49 -3.37 -23.74 1.02
C ILE A 49 -3.61 -24.55 -0.25
N SER A 50 -2.62 -24.66 -1.12
CA SER A 50 -2.67 -25.58 -2.26
C SER A 50 -2.71 -27.00 -1.71
N LYS A 51 -3.69 -27.79 -2.11
CA LYS A 51 -3.81 -29.21 -1.68
C LYS A 51 -2.64 -30.01 -2.22
N SER A 52 -2.10 -29.61 -3.35
CA SER A 52 -1.04 -30.34 -4.08
C SER A 52 0.36 -29.98 -3.53
N THR A 53 0.67 -28.72 -3.23
CA THR A 53 2.05 -28.28 -2.86
C THR A 53 2.14 -27.92 -1.38
N GLY A 54 1.04 -27.59 -0.72
CA GLY A 54 1.05 -27.06 0.66
C GLY A 54 1.50 -25.60 0.74
N GLN A 55 1.66 -24.93 -0.39
CA GLN A 55 2.01 -23.50 -0.40
C GLN A 55 0.79 -22.66 0.06
N GLU A 56 1.02 -21.69 0.93
CA GLU A 56 -0.01 -20.74 1.42
C GLU A 56 -0.19 -19.60 0.41
N TYR A 57 -1.42 -19.16 0.25
CA TYR A 57 -1.84 -18.02 -0.58
C TYR A 57 -2.87 -17.19 0.20
N ALA A 58 -3.15 -15.99 -0.27
CA ALA A 58 -4.28 -15.14 0.18
C ALA A 58 -5.37 -15.20 -0.90
N ALA A 59 -6.57 -15.65 -0.56
CA ALA A 59 -7.71 -15.63 -1.48
C ALA A 59 -8.57 -14.40 -1.21
N LYS A 60 -8.68 -13.50 -2.17
CA LYS A 60 -9.50 -12.27 -2.03
C LYS A 60 -10.78 -12.45 -2.82
N PHE A 61 -11.91 -12.40 -2.12
CA PHE A 61 -13.25 -12.61 -2.66
C PHE A 61 -13.87 -11.24 -2.95
N LEU A 62 -13.99 -10.85 -4.22
CA LEU A 62 -14.56 -9.54 -4.61
C LEU A 62 -15.98 -9.75 -5.10
N LYS A 63 -16.94 -9.07 -4.50
CA LYS A 63 -18.35 -9.10 -4.93
C LYS A 63 -18.43 -8.35 -6.24
N LYS A 64 -19.07 -8.95 -7.25
CA LYS A 64 -19.27 -8.34 -8.58
C LYS A 64 -20.38 -7.27 -8.53
N ARG A 65 -21.29 -7.32 -7.56
CA ARG A 65 -22.38 -6.31 -7.40
C ARG A 65 -22.13 -5.52 -6.11
N ARG A 66 -21.95 -4.21 -6.21
CA ARG A 66 -21.68 -3.30 -5.07
C ARG A 66 -22.54 -2.04 -5.18
N ARG A 67 -23.21 -1.66 -4.08
CA ARG A 67 -23.96 -0.38 -3.93
C ARG A 67 -24.95 -0.28 -5.07
N GLY A 68 -25.52 -1.41 -5.47
CA GLY A 68 -26.47 -1.50 -6.59
C GLY A 68 -25.80 -1.33 -7.94
N GLN A 69 -24.46 -1.46 -8.04
CA GLN A 69 -23.68 -1.24 -9.31
C GLN A 69 -22.99 -2.55 -9.74
N ASP A 70 -23.00 -2.86 -11.04
CA ASP A 70 -22.31 -4.04 -11.62
C ASP A 70 -20.82 -3.70 -11.76
N CYS A 71 -19.95 -4.40 -11.03
CA CYS A 71 -18.54 -3.99 -10.86
C CYS A 71 -17.58 -4.96 -11.58
N ARG A 72 -18.06 -5.90 -12.38
CA ARG A 72 -17.14 -6.88 -13.00
C ARG A 72 -16.10 -6.16 -13.92
N ALA A 73 -16.51 -5.13 -14.67
CA ALA A 73 -15.57 -4.35 -15.49
C ALA A 73 -14.44 -3.78 -14.62
N GLU A 74 -14.77 -3.11 -13.48
CA GLU A 74 -13.78 -2.53 -12.54
C GLU A 74 -12.86 -3.61 -12.00
N ILE A 75 -13.39 -4.77 -11.66
CA ILE A 75 -12.54 -5.89 -11.14
C ILE A 75 -11.58 -6.33 -12.28
N LEU A 76 -12.07 -6.45 -13.53
CA LEU A 76 -11.21 -6.78 -14.71
C LEU A 76 -10.09 -5.77 -14.86
N HIS A 77 -10.36 -4.48 -14.64
CA HIS A 77 -9.33 -3.41 -14.74
CA HIS A 77 -9.33 -3.40 -14.74
C HIS A 77 -8.30 -3.59 -13.62
N GLU A 78 -8.74 -3.94 -12.43
CA GLU A 78 -7.85 -4.17 -11.28
C GLU A 78 -6.94 -5.37 -11.57
N ILE A 79 -7.48 -6.48 -12.08
CA ILE A 79 -6.65 -7.65 -12.48
C ILE A 79 -5.63 -7.25 -13.55
N ALA A 80 -6.01 -6.42 -14.51
CA ALA A 80 -5.14 -5.91 -15.57
C ALA A 80 -3.97 -5.15 -14.96
N VAL A 81 -4.21 -4.36 -13.92
CA VAL A 81 -3.12 -3.59 -13.24
C VAL A 81 -2.19 -4.55 -12.50
N LEU A 82 -2.72 -5.49 -11.73
CA LEU A 82 -1.88 -6.50 -11.04
C LEU A 82 -1.06 -7.26 -12.05
N GLU A 83 -1.67 -7.65 -13.17
CA GLU A 83 -0.95 -8.43 -14.18
C GLU A 83 0.23 -7.60 -14.73
N LEU A 84 0.08 -6.31 -14.92
CA LEU A 84 1.16 -5.45 -15.47
C LEU A 84 2.32 -5.39 -14.44
N ALA A 85 2.02 -5.37 -13.14
CA ALA A 85 3.02 -5.12 -12.07
C ALA A 85 3.69 -6.43 -11.61
N LYS A 86 3.52 -7.54 -12.30
CA LYS A 86 3.88 -8.85 -11.72
C LYS A 86 5.37 -9.11 -11.93
N SER A 87 6.03 -8.33 -12.78
CA SER A 87 7.51 -8.32 -12.84
C SER A 87 8.08 -7.55 -11.64
N CYS A 88 7.28 -6.75 -10.94
CA CYS A 88 7.78 -5.92 -9.80
C CYS A 88 7.58 -6.66 -8.48
N PRO A 89 8.67 -7.05 -7.77
CA PRO A 89 8.55 -7.82 -6.53
C PRO A 89 8.09 -6.98 -5.33
N ARG A 90 7.94 -5.68 -5.51
CA ARG A 90 7.39 -4.79 -4.46
C ARG A 90 5.87 -4.77 -4.54
N VAL A 91 5.31 -5.37 -5.57
CA VAL A 91 3.82 -5.42 -5.76
C VAL A 91 3.36 -6.87 -5.56
N ILE A 92 2.32 -7.07 -4.77
CA ILE A 92 1.77 -8.42 -4.51
C ILE A 92 1.53 -9.13 -5.86
N ASN A 93 1.92 -10.39 -5.96
CA ASN A 93 1.77 -11.16 -7.21
C ASN A 93 0.42 -11.90 -7.23
N LEU A 94 -0.20 -11.89 -8.40
CA LEU A 94 -1.43 -12.63 -8.70
C LEU A 94 -1.03 -14.00 -9.26
N HIS A 95 -1.54 -15.07 -8.67
CA HIS A 95 -1.23 -16.47 -9.05
C HIS A 95 -2.33 -17.02 -9.97
N GLU A 96 -3.59 -16.94 -9.55
CA GLU A 96 -4.74 -17.50 -10.29
C GLU A 96 -5.98 -16.64 -10.05
N VAL A 97 -7.04 -16.89 -10.82
CA VAL A 97 -8.34 -16.22 -10.67
C VAL A 97 -9.44 -17.25 -10.84
N TYR A 98 -10.41 -17.22 -9.95
CA TYR A 98 -11.61 -18.05 -9.99
C TYR A 98 -12.83 -17.14 -9.96
N GLU A 99 -13.99 -17.67 -10.32
CA GLU A 99 -15.25 -16.89 -10.36
C GLU A 99 -16.43 -17.82 -10.05
N ASN A 100 -17.39 -17.30 -9.30
CA ASN A 100 -18.67 -17.95 -9.03
C ASN A 100 -19.77 -16.92 -9.31
N THR A 101 -21.01 -17.23 -8.98
CA THR A 101 -22.17 -16.39 -9.28
C THR A 101 -21.92 -14.97 -8.78
N SER A 102 -21.44 -14.79 -7.57
CA SER A 102 -21.41 -13.45 -6.94
C SER A 102 -19.97 -12.88 -6.81
N GLU A 103 -18.93 -13.70 -6.97
CA GLU A 103 -17.55 -13.30 -6.57
C GLU A 103 -16.57 -13.54 -7.71
N ILE A 104 -15.56 -12.70 -7.79
CA ILE A 104 -14.29 -13.04 -8.45
C ILE A 104 -13.26 -13.21 -7.36
N ILE A 105 -12.54 -14.32 -7.40
CA ILE A 105 -11.57 -14.72 -6.34
C ILE A 105 -10.15 -14.57 -6.88
N LEU A 106 -9.35 -13.73 -6.25
CA LEU A 106 -7.91 -13.56 -6.59
C LEU A 106 -7.10 -14.46 -5.65
N ILE A 107 -6.29 -15.35 -6.22
CA ILE A 107 -5.28 -16.12 -5.46
C ILE A 107 -3.99 -15.32 -5.50
N LEU A 108 -3.68 -14.68 -4.40
CA LEU A 108 -2.55 -13.76 -4.29
C LEU A 108 -1.41 -14.46 -3.55
N GLU A 109 -0.19 -13.98 -3.80
CA GLU A 109 0.96 -14.20 -2.92
C GLU A 109 0.53 -13.89 -1.49
N TYR A 110 0.90 -14.72 -0.53
CA TYR A 110 0.63 -14.53 0.90
C TYR A 110 1.78 -13.73 1.50
N ALA A 111 1.49 -12.55 2.01
CA ALA A 111 2.44 -11.68 2.73
C ALA A 111 2.31 -11.96 4.25
N ALA A 112 3.08 -12.92 4.73
CA ALA A 112 2.88 -13.58 6.04
C ALA A 112 3.06 -12.58 7.21
N GLY A 113 3.77 -11.45 6.98
CA GLY A 113 4.03 -10.43 8.00
C GLY A 113 2.86 -9.50 8.25
N GLY A 114 1.87 -9.46 7.36
CA GLY A 114 0.72 -8.58 7.50
C GLY A 114 1.09 -7.12 7.25
N GLU A 115 0.32 -6.20 7.84
CA GLU A 115 0.33 -4.75 7.50
C GLU A 115 1.54 -4.05 8.13
N ILE A 116 2.13 -3.11 7.41
CA ILE A 116 3.23 -2.24 7.91
C ILE A 116 2.63 -1.32 9.01
N PHE A 117 1.31 -1.11 8.97
CA PHE A 117 0.58 -0.33 10.00
C PHE A 117 0.94 -0.82 11.40
N SER A 118 1.11 -2.12 11.59
CA SER A 118 1.48 -2.68 12.92
CA SER A 118 1.49 -2.70 12.90
C SER A 118 2.79 -2.05 13.43
N LEU A 119 3.72 -1.69 12.52
CA LEU A 119 5.04 -1.14 12.90
C LEU A 119 4.87 0.33 13.34
N CYS A 120 3.72 0.93 13.04
CA CYS A 120 3.41 2.36 13.30
C CYS A 120 2.74 2.55 14.68
N LEU A 121 2.43 1.46 15.39
CA LEU A 121 1.82 1.50 16.75
C LEU A 121 2.93 1.66 17.77
N PRO A 122 2.74 2.49 18.83
CA PRO A 122 3.77 2.68 19.86
C PRO A 122 4.35 1.37 20.44
N GLU A 123 3.54 0.31 20.50
CA GLU A 123 3.89 -1.03 21.08
C GLU A 123 5.14 -1.61 20.40
N LEU A 124 5.24 -1.55 19.07
CA LEU A 124 6.28 -2.25 18.26
C LEU A 124 7.47 -1.32 18.01
N ALA A 125 7.38 -0.05 18.41
CA ALA A 125 8.36 1.03 18.13
C ALA A 125 9.78 0.54 18.41
N GLU A 126 9.95 -0.13 19.55
CA GLU A 126 11.27 -0.51 20.13
C GLU A 126 11.88 -1.69 19.35
N MET A 127 11.07 -2.38 18.54
CA MET A 127 11.53 -3.53 17.72
C MET A 127 11.94 -3.08 16.30
N VAL A 128 11.74 -1.81 15.92
CA VAL A 128 12.02 -1.28 14.55
C VAL A 128 13.12 -0.20 14.64
N SER A 129 14.23 -0.38 13.91
CA SER A 129 15.39 0.55 13.91
C SER A 129 15.22 1.62 12.83
N GLU A 130 16.09 2.62 12.82
CA GLU A 130 16.15 3.57 11.70
C GLU A 130 16.51 2.81 10.43
N ASN A 131 17.49 1.90 10.48
CA ASN A 131 17.93 1.05 9.34
C ASN A 131 16.69 0.40 8.72
N ASP A 132 15.82 -0.17 9.54
CA ASP A 132 14.61 -0.88 9.08
C ASP A 132 13.73 0.11 8.30
N VAL A 133 13.48 1.29 8.87
CA VAL A 133 12.54 2.29 8.28
C VAL A 133 13.11 2.76 6.95
N ILE A 134 14.43 2.99 6.88
CA ILE A 134 15.12 3.43 5.62
C ILE A 134 14.91 2.36 4.57
N ARG A 135 15.10 1.09 4.91
CA ARG A 135 14.98 -0.01 3.90
C ARG A 135 13.50 -0.10 3.43
N LEU A 136 12.53 -0.08 4.35
CA LEU A 136 11.09 -0.23 4.00
C LEU A 136 10.64 0.95 3.11
N ILE A 137 11.07 2.17 3.39
CA ILE A 137 10.68 3.35 2.58
C ILE A 137 11.36 3.20 1.21
N LYS A 138 12.60 2.77 1.17
CA LYS A 138 13.29 2.58 -0.12
C LYS A 138 12.51 1.54 -0.96
N GLN A 139 12.14 0.40 -0.37
CA GLN A 139 11.39 -0.66 -1.09
C GLN A 139 10.03 -0.13 -1.57
N ILE A 140 9.30 0.64 -0.76
CA ILE A 140 8.01 1.27 -1.15
C ILE A 140 8.24 2.17 -2.37
N LEU A 141 9.23 3.06 -2.32
CA LEU A 141 9.61 3.93 -3.44
C LEU A 141 9.91 3.11 -4.68
N GLU A 142 10.59 1.97 -4.55
CA GLU A 142 10.91 1.12 -5.74
C GLU A 142 9.59 0.67 -6.40
N GLY A 143 8.62 0.21 -5.60
CA GLY A 143 7.29 -0.19 -6.09
C GLY A 143 6.56 0.99 -6.73
N VAL A 144 6.59 2.15 -6.10
CA VAL A 144 5.75 3.28 -6.56
C VAL A 144 6.40 3.85 -7.82
N TYR A 145 7.73 3.83 -7.86
CA TYR A 145 8.49 4.21 -9.08
C TYR A 145 8.04 3.35 -10.26
N TYR A 146 8.02 2.05 -10.06
CA TYR A 146 7.61 1.09 -11.11
C TYR A 146 6.18 1.39 -11.58
N LEU A 147 5.21 1.54 -10.65
CA LEU A 147 3.81 1.91 -10.98
C LEU A 147 3.77 3.23 -11.80
N HIS A 148 4.44 4.30 -11.33
CA HIS A 148 4.37 5.63 -11.97
C HIS A 148 5.00 5.58 -13.37
N GLN A 149 6.08 4.83 -13.56
CA GLN A 149 6.71 4.67 -14.91
C GLN A 149 5.71 4.02 -15.85
N ASN A 150 4.71 3.28 -15.34
CA ASN A 150 3.69 2.60 -16.16
C ASN A 150 2.38 3.38 -16.13
N ASN A 151 2.41 4.63 -15.68
CA ASN A 151 1.25 5.55 -15.65
C ASN A 151 0.12 4.92 -14.79
N ILE A 152 0.47 4.24 -13.68
CA ILE A 152 -0.49 3.77 -12.64
C ILE A 152 -0.27 4.62 -11.40
N VAL A 153 -1.30 5.30 -10.96
CA VAL A 153 -1.39 5.93 -9.61
CA VAL A 153 -1.38 5.93 -9.62
C VAL A 153 -2.23 5.01 -8.73
N HIS A 154 -1.69 4.64 -7.56
CA HIS A 154 -2.34 3.67 -6.66
C HIS A 154 -3.57 4.29 -6.01
N LEU A 155 -3.39 5.48 -5.44
CA LEU A 155 -4.43 6.37 -4.85
C LEU A 155 -5.06 5.77 -3.58
N ASP A 156 -4.47 4.76 -2.96
CA ASP A 156 -4.95 4.28 -1.63
C ASP A 156 -3.76 3.78 -0.80
N LEU A 157 -2.60 4.44 -0.90
CA LEU A 157 -1.36 3.98 -0.19
C LEU A 157 -1.43 4.39 1.28
N LYS A 158 -2.43 3.91 1.96
CA LYS A 158 -2.44 3.90 3.43
C LYS A 158 -1.54 2.76 3.91
N PRO A 159 -0.99 2.85 5.15
CA PRO A 159 -0.15 1.80 5.71
C PRO A 159 -0.84 0.41 5.81
N GLN A 160 -2.18 0.37 5.80
CA GLN A 160 -2.96 -0.89 5.82
C GLN A 160 -2.84 -1.58 4.44
N ASN A 161 -2.35 -0.89 3.41
CA ASN A 161 -2.27 -1.40 2.01
C ASN A 161 -0.81 -1.65 1.62
N ILE A 162 0.08 -1.65 2.58
CA ILE A 162 1.47 -2.10 2.37
C ILE A 162 1.74 -3.22 3.35
N LEU A 163 2.05 -4.41 2.86
CA LEU A 163 2.22 -5.60 3.69
C LEU A 163 3.69 -5.95 3.74
N LEU A 164 4.02 -6.92 4.58
CA LEU A 164 5.39 -7.46 4.73
C LEU A 164 5.39 -8.96 4.49
N SER A 165 6.44 -9.47 3.88
CA SER A 165 6.68 -10.92 3.63
C SER A 165 6.96 -11.65 4.95
N SER A 166 7.36 -10.94 6.03
CA SER A 166 7.57 -11.46 7.40
C SER A 166 7.83 -10.32 8.37
N ILE A 167 7.57 -10.53 9.68
CA ILE A 167 7.91 -9.54 10.76
C ILE A 167 9.10 -10.03 11.63
N TYR A 168 9.29 -11.35 11.77
CA TYR A 168 10.40 -11.97 12.57
C TYR A 168 11.17 -12.96 11.72
N PRO A 169 12.26 -12.55 11.03
CA PRO A 169 12.69 -11.16 11.03
C PRO A 169 11.91 -10.31 9.99
N LEU A 170 12.23 -9.03 9.93
CA LEU A 170 11.51 -8.05 9.10
C LEU A 170 11.81 -8.34 7.64
N GLY A 171 10.77 -8.59 6.84
CA GLY A 171 10.93 -9.07 5.46
C GLY A 171 10.84 -7.92 4.48
N ASP A 172 10.20 -8.15 3.34
CA ASP A 172 10.15 -7.19 2.20
C ASP A 172 8.72 -6.68 2.00
N ILE A 173 8.57 -5.50 1.39
CA ILE A 173 7.24 -4.88 1.27
C ILE A 173 6.51 -5.43 0.05
N LYS A 174 5.20 -5.50 0.17
CA LYS A 174 4.23 -5.91 -0.88
C LYS A 174 3.09 -4.90 -0.89
N ILE A 175 3.01 -4.09 -1.93
CA ILE A 175 1.88 -3.16 -2.12
C ILE A 175 0.65 -3.97 -2.56
N VAL A 176 -0.50 -3.75 -1.89
CA VAL A 176 -1.77 -4.47 -2.17
C VAL A 176 -2.89 -3.47 -2.48
N ASP A 177 -3.98 -3.99 -3.03
CA ASP A 177 -5.29 -3.31 -3.16
C ASP A 177 -5.20 -2.18 -4.19
N PHE A 178 -5.43 -2.55 -5.44
CA PHE A 178 -5.42 -1.65 -6.61
C PHE A 178 -6.85 -1.24 -6.97
N GLY A 179 -7.77 -1.35 -6.01
CA GLY A 179 -9.20 -1.01 -6.17
C GLY A 179 -9.43 0.42 -6.60
N MET A 180 -8.56 1.37 -6.19
CA MET A 180 -8.80 2.82 -6.42
CA MET A 180 -8.75 2.83 -6.39
C MET A 180 -7.81 3.32 -7.47
N SER A 181 -7.00 2.45 -8.05
CA SER A 181 -5.90 2.88 -8.95
C SER A 181 -6.46 3.39 -10.29
N ARG A 182 -5.78 4.36 -10.92
CA ARG A 182 -6.22 5.07 -12.17
C ARG A 182 -4.98 5.35 -13.03
N LYS A 183 -5.20 6.04 -14.14
CA LYS A 183 -4.17 6.74 -14.93
C LYS A 183 -4.07 8.22 -14.46
N ILE A 184 -2.88 8.80 -14.61
CA ILE A 184 -2.63 10.26 -14.44
C ILE A 184 -3.71 11.05 -15.21
N GLY A 185 -4.30 12.07 -14.58
CA GLY A 185 -5.18 13.06 -15.24
C GLY A 185 -6.65 12.64 -15.24
N HIS A 186 -6.97 11.46 -14.69
CA HIS A 186 -8.36 10.98 -14.49
C HIS A 186 -9.06 11.93 -13.49
N ALA A 187 -10.39 12.00 -13.56
CA ALA A 187 -11.23 12.87 -12.70
C ALA A 187 -11.18 12.36 -11.26
N CYS A 188 -11.04 13.25 -10.29
CA CYS A 188 -11.29 12.97 -8.85
C CYS A 188 -12.81 12.78 -8.63
N GLU A 189 -13.33 11.57 -8.90
CA GLU A 189 -14.78 11.22 -8.82
C GLU A 189 -15.15 10.89 -7.35
N LEU A 190 -16.40 10.46 -7.12
CA LEU A 190 -16.98 10.23 -5.76
C LEU A 190 -16.24 9.08 -5.05
N ARG A 191 -15.79 8.07 -5.80
CA ARG A 191 -14.96 6.94 -5.29
C ARG A 191 -13.70 7.52 -4.63
N GLU A 192 -13.02 8.44 -5.34
CA GLU A 192 -11.72 9.06 -4.95
C GLU A 192 -11.86 9.69 -3.55
N ILE A 193 -12.90 10.53 -3.37
CA ILE A 193 -13.12 11.41 -2.18
C ILE A 193 -13.75 10.60 -1.04
N MET A 194 -13.51 9.28 -0.98
CA MET A 194 -14.12 8.36 0.02
C MET A 194 -13.07 7.38 0.59
N GLY A 195 -11.77 7.70 0.47
CA GLY A 195 -10.73 7.03 1.26
C GLY A 195 -10.98 7.18 2.77
N THR A 196 -10.09 6.65 3.61
CA THR A 196 -10.02 7.01 5.06
C THR A 196 -9.62 8.49 5.13
N PRO A 197 -10.43 9.36 5.76
CA PRO A 197 -10.19 10.82 5.73
C PRO A 197 -8.74 11.29 5.98
N GLU A 198 -8.08 10.73 6.99
CA GLU A 198 -6.72 11.15 7.43
C GLU A 198 -5.64 10.84 6.36
N TYR A 199 -5.94 10.03 5.35
CA TYR A 199 -4.94 9.61 4.34
C TYR A 199 -5.14 10.34 2.99
N LEU A 200 -6.15 11.20 2.87
CA LEU A 200 -6.47 11.90 1.61
C LEU A 200 -5.51 13.07 1.41
N ALA A 201 -4.92 13.18 0.23
CA ALA A 201 -4.06 14.30 -0.21
C ALA A 201 -4.90 15.57 -0.37
N PRO A 202 -4.31 16.77 -0.17
CA PRO A 202 -5.03 18.02 -0.32
C PRO A 202 -5.72 18.20 -1.69
N GLU A 203 -5.10 17.76 -2.78
CA GLU A 203 -5.67 17.91 -4.16
C GLU A 203 -6.97 17.08 -4.27
N ILE A 204 -7.12 16.01 -3.50
CA ILE A 204 -8.36 15.18 -3.52
C ILE A 204 -9.47 15.96 -2.82
N LEU A 205 -9.17 16.59 -1.68
CA LEU A 205 -10.18 17.40 -0.93
C LEU A 205 -10.70 18.54 -1.84
N ASN A 206 -9.89 19.01 -2.80
CA ASN A 206 -10.22 20.11 -3.74
C ASN A 206 -10.65 19.57 -5.11
N TYR A 207 -10.92 18.29 -5.24
CA TYR A 207 -11.39 17.66 -6.51
C TYR A 207 -10.47 18.06 -7.67
N ASP A 208 -9.20 18.42 -7.38
CA ASP A 208 -8.16 18.69 -8.42
C ASP A 208 -7.88 17.37 -9.10
N PRO A 209 -7.25 17.37 -10.29
CA PRO A 209 -7.13 16.13 -11.06
C PRO A 209 -6.12 15.18 -10.41
N ILE A 210 -6.14 13.92 -10.84
CA ILE A 210 -5.30 12.85 -10.24
C ILE A 210 -3.86 13.07 -10.72
N THR A 211 -2.90 13.06 -9.80
CA THR A 211 -1.47 13.16 -10.09
C THR A 211 -0.70 12.02 -9.39
N THR A 212 0.42 11.60 -9.95
CA THR A 212 1.44 10.72 -9.29
C THR A 212 1.84 11.34 -7.93
N ALA A 213 1.73 12.67 -7.80
CA ALA A 213 2.12 13.42 -6.57
C ALA A 213 1.27 12.96 -5.39
N THR A 214 0.01 12.52 -5.62
CA THR A 214 -0.92 12.02 -4.55
C THR A 214 -0.30 10.83 -3.81
N ASP A 215 0.27 9.86 -4.54
CA ASP A 215 0.98 8.69 -3.95
C ASP A 215 2.18 9.19 -3.13
N MET A 216 2.88 10.23 -3.59
CA MET A 216 4.09 10.74 -2.93
C MET A 216 3.69 11.38 -1.59
N TRP A 217 2.56 12.07 -1.54
CA TRP A 217 1.96 12.58 -0.27
C TRP A 217 1.81 11.41 0.71
N ASN A 218 1.25 10.29 0.25
CA ASN A 218 1.00 9.12 1.12
C ASN A 218 2.33 8.52 1.60
N ILE A 219 3.38 8.52 0.78
CA ILE A 219 4.69 7.98 1.23
C ILE A 219 5.23 8.89 2.35
N GLY A 220 4.97 10.19 2.27
CA GLY A 220 5.28 11.14 3.37
C GLY A 220 4.59 10.72 4.65
N ILE A 221 3.31 10.33 4.56
CA ILE A 221 2.53 9.95 5.76
C ILE A 221 3.12 8.67 6.34
N ILE A 222 3.45 7.70 5.49
CA ILE A 222 3.97 6.39 5.95
C ILE A 222 5.30 6.60 6.71
N ALA A 223 6.24 7.36 6.16
CA ALA A 223 7.50 7.68 6.85
C ALA A 223 7.20 8.33 8.22
N TYR A 224 6.32 9.34 8.24
CA TYR A 224 5.95 10.07 9.48
C TYR A 224 5.44 9.05 10.52
N MET A 225 4.55 8.15 10.12
CA MET A 225 3.92 7.18 11.05
C MET A 225 4.94 6.12 11.53
N LEU A 226 5.82 5.64 10.67
CA LEU A 226 6.86 4.65 11.06
C LEU A 226 7.81 5.26 12.11
N LEU A 227 8.10 6.54 11.98
CA LEU A 227 9.19 7.23 12.72
C LEU A 227 8.66 7.83 14.02
N THR A 228 7.41 8.30 14.05
CA THR A 228 6.83 9.01 15.22
C THR A 228 5.81 8.12 15.94
N HIS A 229 5.29 7.09 15.29
CA HIS A 229 4.20 6.23 15.84
C HIS A 229 2.97 7.07 16.15
N THR A 230 2.71 8.09 15.34
CA THR A 230 1.50 8.94 15.45
C THR A 230 1.03 9.27 14.03
N SER A 231 -0.23 9.60 13.91
CA SER A 231 -0.90 10.03 12.66
C SER A 231 -0.63 11.49 12.43
N PRO A 232 -0.10 11.90 11.26
CA PRO A 232 0.18 13.31 11.06
C PRO A 232 -1.08 14.20 11.02
N PHE A 233 -2.23 13.69 10.57
CA PHE A 233 -3.36 14.59 10.21
C PHE A 233 -4.63 14.33 11.02
N VAL A 234 -4.79 13.21 11.69
CA VAL A 234 -6.12 12.84 12.26
C VAL A 234 -6.45 13.85 13.39
N GLY A 235 -7.70 14.34 13.43
CA GLY A 235 -8.21 15.16 14.55
C GLY A 235 -9.30 14.44 15.32
N GLU A 236 -9.96 15.16 16.25
CA GLU A 236 -11.07 14.63 17.10
C GLU A 236 -12.22 14.19 16.21
N ASP A 237 -12.41 14.87 15.09
CA ASP A 237 -13.50 14.60 14.11
C ASP A 237 -12.97 14.84 12.69
N ASN A 238 -13.75 14.44 11.69
CA ASN A 238 -13.38 14.55 10.26
C ASN A 238 -13.16 16.01 9.89
N GLN A 239 -14.01 16.91 10.37
CA GLN A 239 -13.87 18.36 10.12
C GLN A 239 -12.45 18.76 10.49
N GLU A 240 -11.97 18.37 11.67
CA GLU A 240 -10.63 18.79 12.13
C GLU A 240 -9.56 18.10 11.27
N THR A 241 -9.76 16.83 10.88
CA THR A 241 -8.82 16.10 9.98
C THR A 241 -8.70 16.87 8.65
N TYR A 242 -9.83 17.31 8.09
CA TYR A 242 -9.89 17.99 6.76
C TYR A 242 -9.21 19.35 6.88
N LEU A 243 -9.38 20.05 7.99
CA LEU A 243 -8.65 21.32 8.29
C LEU A 243 -7.14 21.02 8.41
N ASN A 244 -6.75 19.97 9.13
CA ASN A 244 -5.31 19.60 9.29
C ASN A 244 -4.71 19.38 7.89
N ILE A 245 -5.40 18.64 7.01
CA ILE A 245 -4.85 18.29 5.68
C ILE A 245 -4.79 19.55 4.83
N SER A 246 -5.90 20.29 4.72
CA SER A 246 -6.04 21.42 3.78
C SER A 246 -5.07 22.55 4.18
N GLN A 247 -4.76 22.67 5.47
CA GLN A 247 -3.80 23.68 5.99
C GLN A 247 -2.40 23.06 6.10
N VAL A 248 -2.26 21.75 5.82
CA VAL A 248 -1.02 20.98 6.10
C VAL A 248 -0.51 21.39 7.49
N ASN A 249 -1.33 21.19 8.49
CA ASN A 249 -1.00 21.44 9.91
C ASN A 249 -0.37 20.15 10.48
N VAL A 250 0.96 20.07 10.52
CA VAL A 250 1.69 18.85 10.96
C VAL A 250 2.53 19.18 12.19
N ASP A 251 2.50 18.28 13.16
CA ASP A 251 3.32 18.32 14.38
C ASP A 251 4.74 17.89 14.02
N TYR A 252 5.66 18.87 13.94
CA TYR A 252 7.13 18.69 13.85
C TYR A 252 7.81 19.13 15.14
N SER A 253 7.11 19.06 16.27
CA SER A 253 7.60 19.52 17.59
C SER A 253 8.82 18.70 18.02
N GLU A 254 9.65 19.31 18.84
CA GLU A 254 10.89 18.74 19.42
C GLU A 254 10.55 17.43 20.17
N GLU A 255 9.37 17.35 20.79
CA GLU A 255 8.94 16.13 21.55
C GLU A 255 8.63 14.99 20.58
N THR A 256 7.85 15.25 19.55
CA THR A 256 7.46 14.22 18.56
C THR A 256 8.70 13.78 17.75
N PHE A 257 9.68 14.69 17.51
CA PHE A 257 10.83 14.45 16.59
C PHE A 257 12.18 14.31 17.35
N SER A 258 12.18 14.17 18.67
CA SER A 258 13.43 14.10 19.51
C SER A 258 14.31 12.92 19.07
N SER A 259 13.74 11.82 18.60
CA SER A 259 14.53 10.62 18.21
C SER A 259 14.41 10.36 16.70
N VAL A 260 14.10 11.39 15.92
CA VAL A 260 13.99 11.32 14.45
C VAL A 260 15.06 12.23 13.84
N SER A 261 15.85 11.71 12.92
CA SER A 261 17.01 12.43 12.33
C SER A 261 16.50 13.58 11.50
N GLN A 262 17.36 14.57 11.28
CA GLN A 262 17.01 15.70 10.42
C GLN A 262 16.74 15.22 9.00
N LEU A 263 17.56 14.31 8.50
CA LEU A 263 17.43 13.81 7.11
C LEU A 263 16.04 13.16 6.90
N ALA A 264 15.52 12.39 7.86
CA ALA A 264 14.16 11.82 7.78
C ALA A 264 13.13 12.94 7.81
N THR A 265 13.33 13.95 8.67
CA THR A 265 12.45 15.13 8.77
C THR A 265 12.39 15.83 7.38
N ASP A 266 13.55 16.03 6.75
CA ASP A 266 13.68 16.66 5.41
C ASP A 266 12.85 15.83 4.40
N PHE A 267 12.98 14.53 4.46
CA PHE A 267 12.31 13.62 3.53
C PHE A 267 10.81 13.83 3.65
N ILE A 268 10.30 13.76 4.88
CA ILE A 268 8.86 13.92 5.17
C ILE A 268 8.43 15.32 4.71
N GLN A 269 9.20 16.36 5.07
CA GLN A 269 8.78 17.77 4.83
C GLN A 269 8.75 18.06 3.32
N SER A 270 9.55 17.35 2.51
CA SER A 270 9.57 17.54 1.04
C SER A 270 8.31 16.92 0.40
N LEU A 271 7.68 15.94 1.05
CA LEU A 271 6.46 15.24 0.55
C LEU A 271 5.18 15.86 1.09
N LEU A 272 5.14 16.27 2.35
CA LEU A 272 3.89 16.80 2.95
C LEU A 272 3.81 18.30 2.65
N VAL A 273 3.63 18.63 1.36
CA VAL A 273 3.44 20.03 0.90
C VAL A 273 2.13 20.13 0.12
N LYS A 274 1.42 21.22 0.30
CA LYS A 274 0.04 21.44 -0.21
C LYS A 274 0.07 21.33 -1.73
N ASN A 275 1.04 21.97 -2.38
CA ASN A 275 1.10 22.05 -3.86
C ASN A 275 1.71 20.77 -4.42
N PRO A 276 0.92 19.89 -5.07
CA PRO A 276 1.41 18.61 -5.56
C PRO A 276 2.60 18.75 -6.52
N GLU A 277 2.67 19.84 -7.27
CA GLU A 277 3.76 20.10 -8.26
C GLU A 277 5.09 20.33 -7.55
N LYS A 278 5.09 20.71 -6.27
CA LYS A 278 6.35 20.98 -5.52
C LYS A 278 6.88 19.69 -4.86
N ARG A 279 6.12 18.59 -4.85
CA ARG A 279 6.53 17.30 -4.26
C ARG A 279 7.51 16.64 -5.21
N PRO A 280 8.62 16.07 -4.71
CA PRO A 280 9.50 15.28 -5.55
C PRO A 280 8.79 14.03 -6.11
N THR A 281 9.26 13.55 -7.24
CA THR A 281 8.88 12.26 -7.86
C THR A 281 9.48 11.09 -7.04
N ALA A 282 8.99 9.90 -7.30
CA ALA A 282 9.54 8.67 -6.72
C ALA A 282 11.02 8.56 -7.10
N GLU A 283 11.36 8.89 -8.33
CA GLU A 283 12.76 8.77 -8.81
C GLU A 283 13.67 9.70 -8.00
N ILE A 284 13.29 10.94 -7.81
CA ILE A 284 14.05 11.95 -7.02
C ILE A 284 14.13 11.48 -5.54
N CYS A 285 13.05 10.94 -4.97
CA CYS A 285 13.03 10.42 -3.59
C CYS A 285 14.07 9.32 -3.40
N LEU A 286 14.24 8.44 -4.38
CA LEU A 286 15.18 7.32 -4.27
C LEU A 286 16.62 7.83 -4.15
N SER A 287 16.89 9.06 -4.57
CA SER A 287 18.23 9.69 -4.48
C SER A 287 18.37 10.53 -3.21
N HIS A 288 17.31 10.68 -2.40
CA HIS A 288 17.36 11.47 -1.15
C HIS A 288 18.51 10.98 -0.24
N SER A 289 19.27 11.92 0.36
CA SER A 289 20.42 11.64 1.25
C SER A 289 20.00 10.73 2.39
N TRP A 290 18.76 10.83 2.87
CA TRP A 290 18.29 9.97 3.99
C TRP A 290 18.47 8.49 3.63
N LEU A 291 18.27 8.12 2.36
CA LEU A 291 18.17 6.72 1.92
C LEU A 291 19.54 6.23 1.42
N GLN A 292 20.57 7.08 1.42
CA GLN A 292 21.92 6.68 0.99
C GLN A 292 22.63 6.03 2.21
N GLN A 293 22.86 4.74 2.14
CA GLN A 293 23.47 3.99 3.25
C GLN A 293 24.36 2.91 2.66
N TRP A 294 25.56 2.75 3.18
CA TRP A 294 26.47 1.67 2.78
C TRP A 294 26.20 0.45 3.66
N ASP A 295 25.98 -0.72 3.07
CA ASP A 295 25.96 -2.01 3.82
C ASP A 295 27.39 -2.28 4.34
N PHE A 296 27.59 -2.21 5.66
CA PHE A 296 28.94 -2.15 6.31
C PHE A 296 29.71 -3.44 6.02
N GLU A 297 29.00 -4.51 5.67
CA GLU A 297 29.56 -5.85 5.38
C GLU A 297 30.12 -5.90 3.95
N ASN A 298 29.85 -4.87 3.13
CA ASN A 298 30.48 -4.69 1.79
C ASN A 298 31.73 -3.82 1.91
N LEU A 299 32.69 -4.06 1.02
CA LEU A 299 33.99 -3.37 0.98
C LEU A 299 33.89 -2.13 0.09
N PHE A 300 34.00 -0.94 0.70
CA PHE A 300 33.85 0.37 0.02
C PHE A 300 35.09 0.66 -0.82
N HIS A 301 34.89 1.09 -2.06
CA HIS A 301 35.96 1.49 -3.01
C HIS A 301 35.95 3.01 -3.14
N PRO A 302 36.90 3.72 -2.49
CA PRO A 302 36.88 5.19 -2.49
C PRO A 302 37.38 5.80 -3.81
N GLU A 303 37.24 7.12 -3.93
CA GLU A 303 37.67 7.93 -5.10
C GLU A 303 39.19 7.88 -5.26
N GLU A 304 39.95 7.94 -4.14
CA GLU A 304 41.44 7.83 -4.12
C GLU A 304 41.84 6.35 -4.22
N THR A 305 42.17 5.92 -5.44
CA THR A 305 42.60 4.54 -5.83
C THR A 305 44.06 4.32 -5.43
N SER A 306 44.48 3.06 -5.25
CA SER A 306 45.81 2.67 -4.70
C SER A 306 46.95 3.01 -5.69
N SER A 307 46.67 2.99 -7.01
CA SER A 307 47.69 3.17 -8.09
C SER A 307 48.52 4.44 -7.85
#